data_7S68
#
_entry.id   7S68
#
_cell.length_a   87.208
_cell.length_b   93.652
_cell.length_c   119.259
_cell.angle_alpha   90.000
_cell.angle_beta   106.290
_cell.angle_gamma   90.000
#
_symmetry.space_group_name_H-M   'C 1 2 1'
#
loop_
_entity.id
_entity.type
_entity.pdbx_description
1 polymer "DNA (5'-D(*GP*CP*CP*TP*GP*CP*AP*GP*GP*C)-3')"
2 polymer 'Poly [ADP-ribose] polymerase 1'
3 polymer 'Fusion of PARP1 zinc fingers 1 and 3 (Zn1, Zn3)'
4 non-polymer 'ZINC ION'
#
loop_
_entity_poly.entity_id
_entity_poly.type
_entity_poly.pdbx_seq_one_letter_code
_entity_poly.pdbx_strand_id
1 'polydeoxyribonucleotide' (DG)(DC)(DC)(DT)(DG)(DC)(DA)(DG)(DG)(DC) M,N
2 'polypeptide(L)'
;MGSSHHHHHHSSGLVPRGSHLKGGAAVDPDSGLEHSAHVLEKGGKVFSATLGLVDIVKGTNSYYKLQLLEDDKENRYWIF
RSWGRVGTVIGSNKLEQMPSKEDAIEHFMKLYEEKTGNAWHSKNFTKYPKKFYPLEIDYGQDEEAVKKLTVNPGTKFDVE
SMKKAMVEYEIDLQKMPLGKLSKRQIQAAYSILSEVQQAVSQGSSDSQILDLSNRFYTLIPHDFGMKKPPLLNNADSVQA
KAEMLDNLLDIEVAYSLLRGGSDDSS
;
B
3 'polypeptide(L)'
;MGSSHHHHHHSSGLVPRGSHMAESSDKLYRVEYAKSGRASCKKCSESIPKDSLRMAIMVQSPMFDGKVPHWYHFSCFWKV
GHSIRHPDVEVDGFSELRWDDQQKVKKTAEAGGVTGKRKGDEVDGVDEVAKKKSKKEKDKDSKLEKALKAQNDLIWNIKD
ELKKVCSTNDLKELLIFNKQQVPSGESAILDRVADGMVFGALLPCEECSGQLVFKSDAYYCTGDVTAWTKCMVKTQTPNR
KEWVTPKEFREISYLKKLKVKKQDRIFPPETSASVA
;
A
#
loop_
_chem_comp.id
_chem_comp.type
_chem_comp.name
_chem_comp.formula
DA DNA linking 2'-DEOXYADENOSINE-5'-MONOPHOSPHATE 'C10 H14 N5 O6 P'
DC DNA linking 2'-DEOXYCYTIDINE-5'-MONOPHOSPHATE 'C9 H14 N3 O7 P'
DG DNA linking 2'-DEOXYGUANOSINE-5'-MONOPHOSPHATE 'C10 H14 N5 O7 P'
DT DNA linking THYMIDINE-5'-MONOPHOSPHATE 'C10 H15 N2 O8 P'
ZN non-polymer 'ZINC ION' 'Zn 2'
#
# COMPACT_ATOMS: atom_id res chain seq x y z
N ALA C 26 -12.84 -25.96 -10.78
CA ALA C 26 -11.81 -26.80 -10.18
C ALA C 26 -11.53 -26.39 -8.74
N VAL C 27 -11.28 -27.37 -7.88
CA VAL C 27 -11.07 -27.13 -6.46
C VAL C 27 -9.59 -26.86 -6.21
N ASP C 28 -9.31 -26.13 -5.12
CA ASP C 28 -7.94 -25.78 -4.75
C ASP C 28 -7.40 -26.81 -3.75
N PRO C 29 -6.11 -27.18 -3.83
CA PRO C 29 -5.60 -28.26 -2.98
C PRO C 29 -5.27 -27.81 -1.57
N ASP C 30 -4.85 -26.54 -1.42
CA ASP C 30 -4.51 -26.03 -0.10
C ASP C 30 -5.68 -26.15 0.87
N SER C 31 -6.90 -26.37 0.37
CA SER C 31 -8.06 -26.58 1.23
C SER C 31 -8.13 -28.01 1.76
N GLY C 32 -7.49 -28.96 1.09
CA GLY C 32 -7.56 -30.35 1.51
C GLY C 32 -8.80 -31.09 1.07
N LEU C 33 -9.54 -30.54 0.11
CA LEU C 33 -10.77 -31.15 -0.37
C LEU C 33 -10.74 -31.33 -1.89
N GLU C 34 -9.56 -31.59 -2.45
CA GLU C 34 -9.45 -31.71 -3.90
C GLU C 34 -10.26 -32.88 -4.42
N HIS C 35 -10.25 -34.01 -3.71
CA HIS C 35 -11.01 -35.20 -4.08
C HIS C 35 -12.34 -35.30 -3.37
N SER C 36 -12.57 -34.49 -2.33
CA SER C 36 -13.75 -34.62 -1.50
C SER C 36 -14.93 -33.79 -1.98
N ALA C 37 -14.69 -32.78 -2.81
CA ALA C 37 -15.71 -31.80 -3.14
C ALA C 37 -15.58 -31.38 -4.60
N HIS C 38 -16.54 -30.58 -5.05
CA HIS C 38 -16.51 -29.95 -6.36
C HIS C 38 -17.07 -28.54 -6.24
N VAL C 39 -16.66 -27.67 -7.16
CA VAL C 39 -17.05 -26.28 -7.10
C VAL C 39 -18.53 -26.16 -7.42
N LEU C 40 -19.26 -25.47 -6.55
CA LEU C 40 -20.68 -25.23 -6.79
C LEU C 40 -20.86 -24.21 -7.91
N GLU C 41 -21.99 -24.30 -8.60
CA GLU C 41 -22.26 -23.43 -9.73
C GLU C 41 -23.77 -23.24 -9.87
N LYS C 42 -24.14 -22.11 -10.49
CA LYS C 42 -25.53 -21.81 -10.80
C LYS C 42 -25.67 -21.54 -12.29
N GLY C 43 -25.19 -22.48 -13.11
CA GLY C 43 -25.21 -22.31 -14.55
C GLY C 43 -23.96 -21.63 -15.07
N GLY C 44 -23.93 -20.30 -14.98
CA GLY C 44 -22.78 -19.53 -15.42
C GLY C 44 -22.10 -18.77 -14.29
N LYS C 45 -22.39 -19.16 -13.06
CA LYS C 45 -21.82 -18.53 -11.87
C LYS C 45 -20.88 -19.51 -11.19
N VAL C 46 -19.73 -19.76 -11.82
CA VAL C 46 -18.71 -20.62 -11.24
C VAL C 46 -18.17 -19.96 -9.97
N PHE C 47 -18.59 -20.46 -8.81
CA PHE C 47 -18.18 -19.87 -7.54
C PHE C 47 -16.69 -20.13 -7.30
N SER C 48 -15.84 -19.56 -8.14
CA SER C 48 -14.39 -19.70 -7.98
C SER C 48 -13.75 -18.55 -8.74
N ALA C 49 -13.07 -17.67 -8.01
CA ALA C 49 -12.51 -16.46 -8.58
C ALA C 49 -11.04 -16.32 -8.19
N THR C 50 -10.26 -15.78 -9.13
CA THR C 50 -8.84 -15.50 -8.92
C THR C 50 -8.61 -14.04 -9.28
N LEU C 51 -8.38 -13.21 -8.26
CA LEU C 51 -8.19 -11.78 -8.44
C LEU C 51 -6.72 -11.42 -8.22
N GLY C 52 -6.28 -10.35 -8.87
CA GLY C 52 -4.92 -9.89 -8.75
C GLY C 52 -4.85 -8.38 -8.66
N LEU C 53 -3.86 -7.90 -7.92
CA LEU C 53 -3.62 -6.46 -7.80
C LEU C 53 -2.12 -6.19 -7.83
N VAL C 54 -1.74 -5.16 -8.58
CA VAL C 54 -0.34 -4.80 -8.76
C VAL C 54 -0.17 -3.31 -8.56
N ASP C 55 0.95 -2.93 -7.94
CA ASP C 55 1.33 -1.53 -7.81
C ASP C 55 2.85 -1.49 -7.74
N ILE C 56 3.49 -0.96 -8.79
CA ILE C 56 4.94 -1.06 -8.90
C ILE C 56 5.64 0.01 -8.06
N VAL C 57 5.01 1.18 -7.88
CA VAL C 57 5.63 2.22 -7.07
C VAL C 57 5.86 1.76 -5.65
N LYS C 58 5.10 0.75 -5.19
CA LYS C 58 5.30 0.16 -3.88
C LYS C 58 5.71 -1.30 -3.97
N GLY C 59 5.83 -1.87 -5.17
CA GLY C 59 6.33 -3.21 -5.35
C GLY C 59 5.45 -4.29 -4.77
N THR C 60 4.16 -4.24 -5.08
CA THR C 60 3.20 -5.24 -4.63
C THR C 60 2.58 -5.94 -5.82
N ASN C 61 2.44 -7.27 -5.72
CA ASN C 61 1.95 -8.14 -6.79
C ASN C 61 1.22 -9.31 -6.12
N SER C 62 -0.03 -9.06 -5.73
CA SER C 62 -0.77 -9.96 -4.85
C SER C 62 -1.90 -10.66 -5.59
N TYR C 63 -2.20 -11.89 -5.15
CA TYR C 63 -3.28 -12.69 -5.69
C TYR C 63 -4.29 -13.04 -4.60
N TYR C 64 -5.45 -13.49 -5.03
CA TYR C 64 -6.54 -13.83 -4.11
C TYR C 64 -7.41 -14.90 -4.76
N LYS C 65 -7.34 -16.12 -4.24
CA LYS C 65 -8.24 -17.20 -4.65
C LYS C 65 -9.41 -17.25 -3.69
N LEU C 66 -10.62 -17.34 -4.23
CA LEU C 66 -11.84 -17.45 -3.43
C LEU C 66 -12.72 -18.52 -4.04
N GLN C 67 -13.19 -19.45 -3.20
CA GLN C 67 -14.01 -20.56 -3.68
C GLN C 67 -15.12 -20.86 -2.68
N LEU C 68 -16.28 -21.24 -3.21
CA LEU C 68 -17.39 -21.78 -2.43
C LEU C 68 -17.63 -23.21 -2.90
N LEU C 69 -17.34 -24.17 -2.03
CA LEU C 69 -17.30 -25.57 -2.41
C LEU C 69 -18.53 -26.30 -1.89
N GLU C 70 -19.17 -27.08 -2.77
CA GLU C 70 -20.15 -28.07 -2.37
C GLU C 70 -19.44 -29.39 -2.08
N ASP C 71 -20.14 -30.28 -1.38
CA ASP C 71 -19.61 -31.61 -1.19
C ASP C 71 -19.61 -32.36 -2.53
N ASP C 72 -18.89 -33.48 -2.58
CA ASP C 72 -18.99 -34.34 -3.75
C ASP C 72 -20.44 -34.76 -3.98
N LYS C 73 -21.13 -35.12 -2.91
CA LYS C 73 -22.57 -35.31 -2.94
C LYS C 73 -23.11 -35.39 -1.52
N GLU C 74 -23.47 -34.24 -0.97
CA GLU C 74 -23.97 -34.10 0.40
C GLU C 74 -24.50 -32.68 0.52
N ASN C 75 -25.06 -32.36 1.68
CA ASN C 75 -25.53 -30.99 1.97
C ASN C 75 -24.55 -30.26 2.88
N ARG C 76 -23.27 -30.28 2.51
CA ARG C 76 -22.19 -29.63 3.27
C ARG C 76 -21.43 -28.71 2.33
N TYR C 77 -21.28 -27.44 2.73
CA TYR C 77 -20.73 -26.41 1.86
C TYR C 77 -19.72 -25.57 2.64
N TRP C 78 -18.57 -25.29 2.02
CA TRP C 78 -17.46 -24.58 2.66
C TRP C 78 -17.10 -23.33 1.89
N ILE C 79 -16.36 -22.45 2.56
CA ILE C 79 -15.81 -21.23 1.97
C ILE C 79 -14.30 -21.24 2.15
N PHE C 80 -13.56 -21.08 1.05
CA PHE C 80 -12.11 -21.11 1.06
C PHE C 80 -11.56 -19.79 0.54
N ARG C 81 -10.63 -19.20 1.29
CA ARG C 81 -9.94 -17.99 0.90
C ARG C 81 -8.44 -18.25 0.94
N SER C 82 -7.72 -17.70 -0.04
CA SER C 82 -6.27 -17.84 -0.11
C SER C 82 -5.68 -16.58 -0.71
N TRP C 83 -4.50 -16.21 -0.24
CA TRP C 83 -3.88 -14.96 -0.65
C TRP C 83 -2.36 -15.10 -0.60
N GLY C 84 -1.66 -14.05 -1.01
CA GLY C 84 -0.22 -14.00 -0.98
C GLY C 84 0.33 -13.31 -2.21
N ARG C 85 1.65 -13.42 -2.39
CA ARG C 85 2.34 -12.88 -3.54
C ARG C 85 2.47 -13.96 -4.61
N VAL C 86 2.36 -13.55 -5.87
CA VAL C 86 2.32 -14.52 -6.97
C VAL C 86 3.58 -15.35 -6.97
N GLY C 87 3.41 -16.66 -7.13
CA GLY C 87 4.56 -17.56 -7.21
C GLY C 87 5.52 -17.42 -6.05
N THR C 88 5.00 -17.20 -4.85
CA THR C 88 5.82 -17.04 -3.66
C THR C 88 5.11 -17.69 -2.47
N VAL C 89 5.91 -18.10 -1.49
CA VAL C 89 5.37 -18.82 -0.34
C VAL C 89 4.51 -17.91 0.52
N ILE C 90 4.92 -16.65 0.67
CA ILE C 90 4.22 -15.74 1.55
C ILE C 90 2.74 -15.72 1.20
N GLY C 91 1.90 -15.83 2.21
CA GLY C 91 0.46 -15.95 2.02
C GLY C 91 -0.11 -17.17 2.69
N SER C 92 -1.19 -17.00 3.43
CA SER C 92 -1.87 -18.08 4.14
C SER C 92 -3.23 -18.34 3.51
N ASN C 93 -4.02 -19.21 4.15
CA ASN C 93 -5.35 -19.55 3.66
C ASN C 93 -6.27 -19.78 4.85
N LYS C 94 -7.57 -19.76 4.57
CA LYS C 94 -8.58 -19.98 5.59
C LYS C 94 -9.76 -20.72 4.98
N LEU C 95 -10.12 -21.85 5.57
CA LEU C 95 -11.25 -22.66 5.14
C LEU C 95 -12.27 -22.69 6.27
N GLU C 96 -13.42 -22.06 6.07
CA GLU C 96 -14.44 -21.96 7.09
C GLU C 96 -15.71 -22.68 6.66
N GLN C 97 -16.38 -23.27 7.65
CA GLN C 97 -17.60 -24.04 7.44
C GLN C 97 -18.81 -23.11 7.55
N MET C 98 -19.54 -22.98 6.45
CA MET C 98 -20.74 -22.15 6.49
C MET C 98 -21.93 -22.97 6.97
N PRO C 99 -22.91 -22.34 7.63
CA PRO C 99 -24.03 -23.12 8.20
C PRO C 99 -24.85 -23.85 7.14
N SER C 100 -25.36 -23.14 6.15
CA SER C 100 -26.25 -23.70 5.14
C SER C 100 -25.66 -23.50 3.74
N LYS C 101 -26.43 -23.87 2.73
CA LYS C 101 -25.99 -23.83 1.35
C LYS C 101 -26.35 -22.52 0.63
N GLU C 102 -26.84 -21.52 1.36
CA GLU C 102 -27.26 -20.27 0.76
C GLU C 102 -26.57 -19.06 1.37
N ASP C 103 -26.48 -18.99 2.70
CA ASP C 103 -25.78 -17.87 3.33
C ASP C 103 -24.31 -17.85 2.95
N ALA C 104 -23.76 -19.03 2.61
CA ALA C 104 -22.40 -19.06 2.08
C ALA C 104 -22.28 -18.19 0.83
N ILE C 105 -23.33 -18.17 0.00
CA ILE C 105 -23.31 -17.33 -1.19
C ILE C 105 -23.30 -15.85 -0.80
N GLU C 106 -24.02 -15.51 0.27
CA GLU C 106 -24.02 -14.12 0.73
C GLU C 106 -22.64 -13.71 1.21
N HIS C 107 -21.98 -14.57 1.99
CA HIS C 107 -20.61 -14.29 2.42
C HIS C 107 -19.69 -14.16 1.22
N PHE C 108 -19.84 -15.06 0.24
CA PHE C 108 -19.06 -15.00 -0.99
C PHE C 108 -19.18 -13.64 -1.65
N MET C 109 -20.43 -13.19 -1.89
CA MET C 109 -20.64 -11.92 -2.56
C MET C 109 -20.13 -10.75 -1.73
N LYS C 110 -20.33 -10.79 -0.42
CA LYS C 110 -19.85 -9.72 0.44
C LYS C 110 -18.34 -9.56 0.31
N LEU C 111 -17.60 -10.66 0.42
CA LEU C 111 -16.15 -10.58 0.30
C LEU C 111 -15.72 -10.18 -1.10
N TYR C 112 -16.42 -10.67 -2.12
CA TYR C 112 -16.12 -10.27 -3.49
C TYR C 112 -16.19 -8.75 -3.64
N GLU C 113 -17.28 -8.15 -3.17
CA GLU C 113 -17.42 -6.70 -3.28
C GLU C 113 -16.40 -5.97 -2.42
N GLU C 114 -16.14 -6.48 -1.21
CA GLU C 114 -15.17 -5.83 -0.34
C GLU C 114 -13.77 -5.81 -0.95
N LYS C 115 -13.42 -6.84 -1.72
CA LYS C 115 -12.07 -6.92 -2.27
C LYS C 115 -11.94 -6.33 -3.66
N THR C 116 -13.01 -6.31 -4.46
CA THR C 116 -12.95 -5.77 -5.80
C THR C 116 -13.64 -4.42 -5.97
N GLY C 117 -14.72 -4.18 -5.23
CA GLY C 117 -15.49 -2.97 -5.41
C GLY C 117 -16.72 -3.22 -6.27
N ASN C 118 -16.51 -3.75 -7.48
CA ASN C 118 -17.61 -4.06 -8.36
C ASN C 118 -18.33 -5.33 -7.91
N ALA C 119 -19.54 -5.52 -8.45
CA ALA C 119 -20.42 -6.59 -7.99
C ALA C 119 -19.96 -7.95 -8.49
N TRP C 120 -20.59 -8.99 -7.94
CA TRP C 120 -20.24 -10.36 -8.31
C TRP C 120 -20.69 -10.70 -9.72
N HIS C 121 -21.87 -10.24 -10.11
CA HIS C 121 -22.40 -10.48 -11.46
C HIS C 121 -22.93 -9.17 -12.02
N SER C 122 -22.21 -8.61 -12.99
CA SER C 122 -22.62 -7.38 -13.64
C SER C 122 -21.68 -7.10 -14.80
N LYS C 123 -22.20 -6.41 -15.82
CA LYS C 123 -21.41 -6.07 -16.99
C LYS C 123 -20.32 -5.04 -16.68
N ASN C 124 -20.44 -4.33 -15.55
CA ASN C 124 -19.55 -3.22 -15.23
C ASN C 124 -18.34 -3.76 -14.48
N PHE C 125 -17.26 -4.02 -15.21
CA PHE C 125 -15.98 -4.45 -14.62
C PHE C 125 -15.12 -3.25 -14.24
N THR C 126 -15.73 -2.27 -13.59
CA THR C 126 -15.03 -1.03 -13.26
C THR C 126 -13.94 -1.30 -12.24
N LYS C 127 -12.71 -0.92 -12.59
CA LYS C 127 -11.60 -0.99 -11.64
C LYS C 127 -11.78 0.05 -10.54
N TYR C 128 -11.26 -0.27 -9.36
CA TYR C 128 -11.32 0.63 -8.22
C TYR C 128 -9.91 0.82 -7.64
N PRO C 129 -9.63 2.01 -7.10
CA PRO C 129 -8.28 2.26 -6.59
C PRO C 129 -7.92 1.33 -5.45
N LYS C 130 -6.76 0.69 -5.57
CA LYS C 130 -6.27 -0.25 -4.57
C LYS C 130 -7.24 -1.40 -4.36
N LYS C 131 -7.96 -1.77 -5.43
CA LYS C 131 -8.88 -2.89 -5.42
C LYS C 131 -8.49 -3.87 -6.52
N PHE C 132 -8.71 -5.16 -6.25
CA PHE C 132 -8.28 -6.19 -7.19
C PHE C 132 -9.08 -6.11 -8.48
N TYR C 133 -8.68 -6.96 -9.44
CA TYR C 133 -9.36 -7.06 -10.72
C TYR C 133 -9.47 -8.55 -11.04
N PRO C 134 -10.63 -9.03 -11.47
CA PRO C 134 -10.78 -10.46 -11.74
C PRO C 134 -9.94 -10.91 -12.92
N LEU C 135 -9.75 -12.23 -13.00
CA LEU C 135 -8.93 -12.85 -14.03
C LEU C 135 -9.68 -14.03 -14.64
N GLU C 136 -9.94 -13.97 -15.94
CA GLU C 136 -10.65 -15.03 -16.62
C GLU C 136 -9.76 -16.26 -16.79
N ILE C 137 -10.28 -17.43 -16.39
CA ILE C 137 -9.53 -18.67 -16.43
C ILE C 137 -10.38 -19.75 -17.07
N ASP C 138 -9.72 -20.71 -17.72
CA ASP C 138 -10.41 -21.82 -18.37
C ASP C 138 -10.55 -22.99 -17.41
N VAL C 159 10.59 -45.60 -17.79
CA VAL C 159 11.06 -44.67 -18.81
C VAL C 159 11.36 -43.32 -18.16
N GLU C 160 12.38 -42.62 -18.68
CA GLU C 160 12.81 -41.36 -18.12
C GLU C 160 11.99 -40.18 -18.65
N SER C 161 10.75 -40.44 -19.06
CA SER C 161 9.92 -39.38 -19.63
C SER C 161 9.30 -38.53 -18.54
N MET C 162 8.87 -39.14 -17.43
CA MET C 162 8.25 -38.37 -16.37
C MET C 162 9.27 -37.52 -15.61
N LYS C 163 10.50 -38.00 -15.48
CA LYS C 163 11.54 -37.23 -14.83
C LYS C 163 11.71 -35.86 -15.50
N LYS C 164 11.42 -35.78 -16.80
CA LYS C 164 11.49 -34.52 -17.54
C LYS C 164 10.13 -33.85 -17.67
N ALA C 165 9.05 -34.62 -17.71
CA ALA C 165 7.73 -34.03 -17.74
C ALA C 165 7.43 -33.23 -16.49
N MET C 166 7.97 -33.66 -15.34
CA MET C 166 7.81 -32.88 -14.12
C MET C 166 8.44 -31.50 -14.28
N VAL C 167 9.67 -31.45 -14.81
CA VAL C 167 10.33 -30.17 -15.04
C VAL C 167 9.54 -29.33 -16.04
N GLU C 168 9.00 -29.98 -17.07
CA GLU C 168 8.21 -29.24 -18.06
C GLU C 168 6.97 -28.62 -17.43
N TYR C 169 6.28 -29.36 -16.56
CA TYR C 169 5.10 -28.78 -15.92
C TYR C 169 5.49 -27.69 -14.93
N GLU C 170 6.64 -27.83 -14.27
CA GLU C 170 7.09 -26.77 -13.37
C GLU C 170 7.40 -25.49 -14.14
N ILE C 171 8.01 -25.60 -15.32
CA ILE C 171 8.26 -24.40 -16.11
C ILE C 171 6.96 -23.85 -16.68
N ASP C 172 5.99 -24.73 -16.97
CA ASP C 172 4.67 -24.26 -17.35
C ASP C 172 4.06 -23.38 -16.26
N LEU C 173 4.16 -23.83 -15.00
CA LEU C 173 3.68 -23.01 -13.89
C LEU C 173 4.51 -21.73 -13.75
N GLN C 174 5.81 -21.79 -14.06
CA GLN C 174 6.63 -20.59 -14.04
C GLN C 174 6.11 -19.56 -15.04
N LYS C 175 5.74 -20.00 -16.24
CA LYS C 175 5.20 -19.06 -17.23
C LYS C 175 3.82 -18.58 -16.84
N MET C 176 3.01 -19.42 -16.19
CA MET C 176 1.64 -19.11 -15.79
C MET C 176 1.55 -19.31 -14.29
N PRO C 177 2.08 -18.38 -13.49
CA PRO C 177 2.16 -18.61 -12.03
C PRO C 177 0.83 -18.88 -11.37
N LEU C 178 -0.29 -18.43 -11.95
CA LEU C 178 -1.59 -18.62 -11.35
C LEU C 178 -2.52 -19.51 -12.18
N GLY C 179 -2.04 -20.06 -13.29
CA GLY C 179 -2.81 -21.00 -14.09
C GLY C 179 -3.09 -20.46 -15.48
N LYS C 180 -3.89 -21.22 -16.21
CA LYS C 180 -4.23 -20.87 -17.58
C LYS C 180 -5.11 -19.62 -17.61
N LEU C 181 -5.05 -18.93 -18.74
CA LEU C 181 -5.79 -17.68 -18.94
C LEU C 181 -6.77 -17.84 -20.11
N SER C 182 -7.66 -16.86 -20.23
CA SER C 182 -8.62 -16.82 -21.32
C SER C 182 -8.07 -16.01 -22.48
N LYS C 183 -8.43 -16.43 -23.70
CA LYS C 183 -7.95 -15.72 -24.88
C LYS C 183 -8.39 -14.26 -24.88
N ARG C 184 -9.57 -13.99 -24.31
CA ARG C 184 -10.02 -12.60 -24.19
C ARG C 184 -9.00 -11.75 -23.43
N GLN C 185 -8.62 -12.20 -22.23
CA GLN C 185 -7.70 -11.43 -21.42
C GLN C 185 -6.30 -11.39 -22.03
N ILE C 186 -5.87 -12.46 -22.70
CA ILE C 186 -4.56 -12.44 -23.33
C ILE C 186 -4.52 -11.44 -24.48
N GLN C 187 -5.60 -11.38 -25.27
CA GLN C 187 -5.67 -10.40 -26.34
C GLN C 187 -5.75 -8.98 -25.78
N ALA C 188 -6.45 -8.81 -24.65
CA ALA C 188 -6.46 -7.50 -23.99
C ALA C 188 -5.04 -7.12 -23.56
N ALA C 189 -4.29 -8.09 -23.02
CA ALA C 189 -2.92 -7.83 -22.65
C ALA C 189 -2.08 -7.44 -23.86
N TYR C 190 -2.31 -8.09 -25.00
CA TYR C 190 -1.53 -7.75 -26.20
C TYR C 190 -1.90 -6.37 -26.71
N SER C 191 -3.17 -5.98 -26.63
CA SER C 191 -3.56 -4.63 -27.03
C SER C 191 -2.94 -3.59 -26.11
N ILE C 192 -2.87 -3.88 -24.80
CA ILE C 192 -2.19 -2.97 -23.90
C ILE C 192 -0.69 -2.94 -24.19
N LEU C 193 -0.13 -4.06 -24.65
CA LEU C 193 1.27 -4.05 -25.09
C LEU C 193 1.46 -3.14 -26.29
N SER C 194 0.51 -3.15 -27.23
CA SER C 194 0.58 -2.23 -28.35
C SER C 194 0.49 -0.79 -27.87
N GLU C 195 -0.41 -0.52 -26.93
CA GLU C 195 -0.49 0.81 -26.33
C GLU C 195 0.85 1.22 -25.73
N VAL C 196 1.52 0.30 -25.04
CA VAL C 196 2.79 0.62 -24.39
C VAL C 196 3.87 0.87 -25.44
N GLN C 197 3.90 0.06 -26.50
CA GLN C 197 4.86 0.29 -27.57
C GLN C 197 4.65 1.67 -28.17
N GLN C 198 3.40 2.07 -28.37
CA GLN C 198 3.12 3.39 -28.94
C GLN C 198 3.51 4.51 -27.98
N ALA C 199 3.26 4.31 -26.68
CA ALA C 199 3.58 5.36 -25.70
C ALA C 199 5.08 5.48 -25.49
N VAL C 200 5.83 4.40 -25.71
CA VAL C 200 7.28 4.47 -25.63
C VAL C 200 7.85 5.09 -26.90
N SER C 201 7.26 4.78 -28.05
CA SER C 201 7.62 5.50 -29.26
C SER C 201 7.39 6.99 -29.09
N GLN C 202 6.28 7.36 -28.45
CA GLN C 202 6.05 8.76 -28.09
C GLN C 202 7.11 9.25 -27.12
N GLY C 203 7.69 8.34 -26.32
CA GLY C 203 8.75 8.71 -25.39
C GLY C 203 8.31 9.74 -24.36
N SER C 204 7.02 9.82 -24.08
CA SER C 204 6.47 10.81 -23.18
C SER C 204 5.50 10.16 -22.21
N SER C 205 5.13 10.91 -21.17
CA SER C 205 4.16 10.48 -20.18
C SER C 205 4.56 9.13 -19.59
N ASP C 206 5.68 9.16 -18.85
CA ASP C 206 6.12 7.97 -18.14
C ASP C 206 5.13 7.54 -17.08
N SER C 207 4.28 8.47 -16.61
CA SER C 207 3.20 8.08 -15.69
C SER C 207 2.20 7.17 -16.40
N GLN C 208 1.87 7.47 -17.66
CA GLN C 208 1.03 6.57 -18.42
C GLN C 208 1.72 5.24 -18.64
N ILE C 209 3.04 5.25 -18.81
CA ILE C 209 3.79 4.01 -18.91
C ILE C 209 3.62 3.19 -17.64
N LEU C 210 3.73 3.84 -16.48
CA LEU C 210 3.54 3.15 -15.21
C LEU C 210 2.14 2.56 -15.11
N ASP C 211 1.12 3.36 -15.47
CA ASP C 211 -0.26 2.88 -15.38
C ASP C 211 -0.48 1.67 -16.29
N LEU C 212 0.01 1.74 -17.52
CA LEU C 212 -0.18 0.63 -18.45
C LEU C 212 0.59 -0.61 -18.00
N SER C 213 1.79 -0.42 -17.44
CA SER C 213 2.54 -1.57 -16.93
C SER C 213 1.81 -2.23 -15.77
N ASN C 214 1.21 -1.42 -14.89
CA ASN C 214 0.42 -1.98 -13.80
C ASN C 214 -0.76 -2.78 -14.34
N ARG C 215 -1.52 -2.17 -15.27
CA ARG C 215 -2.65 -2.88 -15.86
C ARG C 215 -2.21 -4.20 -16.48
N PHE C 216 -1.10 -4.20 -17.20
CA PHE C 216 -0.62 -5.42 -17.86
C PHE C 216 -0.25 -6.47 -16.83
N TYR C 217 0.70 -6.17 -15.94
CA TYR C 217 1.12 -7.14 -14.95
C TYR C 217 -0.05 -7.67 -14.14
N THR C 218 -1.07 -6.84 -13.92
CA THR C 218 -2.29 -7.36 -13.29
C THR C 218 -3.01 -8.33 -14.20
N LEU C 219 -2.99 -8.07 -15.51
CA LEU C 219 -3.62 -8.97 -16.47
C LEU C 219 -2.78 -10.21 -16.75
N ILE C 220 -1.47 -10.15 -16.54
CA ILE C 220 -0.59 -11.27 -16.83
C ILE C 220 0.38 -11.45 -15.66
N PRO C 221 0.17 -12.45 -14.79
CA PRO C 221 1.07 -12.62 -13.66
C PRO C 221 2.42 -13.18 -14.08
N HIS C 222 3.44 -12.87 -13.27
CA HIS C 222 4.77 -13.42 -13.44
C HIS C 222 5.37 -13.73 -12.07
N ASP C 223 6.30 -14.68 -12.04
CA ASP C 223 6.98 -15.05 -10.81
C ASP C 223 8.23 -14.18 -10.67
N PHE C 224 8.04 -12.98 -10.14
CA PHE C 224 9.16 -12.12 -9.80
C PHE C 224 9.81 -12.51 -8.49
N GLY C 225 9.35 -13.59 -7.86
CA GLY C 225 9.83 -13.91 -6.52
C GLY C 225 9.54 -12.74 -5.59
N MET C 226 10.58 -12.23 -4.95
CA MET C 226 10.47 -11.07 -4.08
C MET C 226 10.88 -9.79 -4.78
N LYS C 227 11.20 -9.85 -6.07
CA LYS C 227 11.72 -8.69 -6.78
C LYS C 227 10.59 -7.77 -7.22
N LYS C 228 10.83 -6.47 -7.11
CA LYS C 228 9.84 -5.49 -7.56
C LYS C 228 9.59 -5.67 -9.06
N PRO C 229 8.35 -5.66 -9.51
CA PRO C 229 8.08 -5.81 -10.94
C PRO C 229 8.77 -4.73 -11.75
N PRO C 230 9.43 -5.08 -12.85
CA PRO C 230 10.15 -4.07 -13.63
C PRO C 230 9.23 -3.26 -14.53
N LEU C 231 9.64 -2.02 -14.78
CA LEU C 231 8.91 -1.17 -15.71
C LEU C 231 9.11 -1.64 -17.14
N LEU C 232 8.20 -1.22 -18.01
CA LEU C 232 8.23 -1.60 -19.42
C LEU C 232 8.50 -0.36 -20.26
N ASN C 233 9.73 0.15 -20.14
CA ASN C 233 10.20 1.26 -20.94
C ASN C 233 11.18 0.86 -22.02
N ASN C 234 11.73 -0.36 -21.94
CA ASN C 234 12.74 -0.82 -22.88
C ASN C 234 12.08 -1.50 -24.08
N ALA C 235 12.51 -1.12 -25.28
CA ALA C 235 11.96 -1.73 -26.50
C ALA C 235 12.23 -3.23 -26.52
N ASP C 236 13.41 -3.64 -26.05
CA ASP C 236 13.74 -5.06 -26.02
C ASP C 236 12.79 -5.82 -25.10
N SER C 237 12.51 -5.26 -23.92
CA SER C 237 11.61 -5.94 -22.98
C SER C 237 10.21 -6.08 -23.56
N VAL C 238 9.71 -5.03 -24.22
CA VAL C 238 8.35 -5.10 -24.75
C VAL C 238 8.28 -6.09 -25.91
N GLN C 239 9.29 -6.10 -26.78
CA GLN C 239 9.27 -7.10 -27.86
C GLN C 239 9.44 -8.52 -27.31
N ALA C 240 10.21 -8.68 -26.23
CA ALA C 240 10.38 -10.00 -25.64
C ALA C 240 9.08 -10.51 -25.05
N LYS C 241 8.39 -9.68 -24.27
CA LYS C 241 7.10 -10.10 -23.73
C LYS C 241 6.06 -10.26 -24.84
N ALA C 242 6.21 -9.51 -25.94
CA ALA C 242 5.30 -9.67 -27.08
C ALA C 242 5.47 -11.04 -27.70
N GLU C 243 6.72 -11.46 -27.94
CA GLU C 243 6.92 -12.79 -28.50
C GLU C 243 6.57 -13.89 -27.50
N MET C 244 6.71 -13.61 -26.19
CA MET C 244 6.23 -14.55 -25.18
C MET C 244 4.72 -14.74 -25.32
N LEU C 245 3.98 -13.64 -25.40
CA LEU C 245 2.53 -13.72 -25.57
C LEU C 245 2.18 -14.40 -26.89
N ASP C 246 2.98 -14.19 -27.93
CA ASP C 246 2.73 -14.85 -29.21
C ASP C 246 2.87 -16.37 -29.07
N ASN C 247 3.95 -16.82 -28.43
CA ASN C 247 4.12 -18.25 -28.18
C ASN C 247 2.96 -18.80 -27.37
N LEU C 248 2.56 -18.09 -26.31
CA LEU C 248 1.48 -18.57 -25.47
C LEU C 248 0.16 -18.64 -26.24
N LEU C 249 -0.10 -17.64 -27.09
CA LEU C 249 -1.33 -17.63 -27.87
C LEU C 249 -1.35 -18.75 -28.90
N ASP C 250 -0.20 -19.04 -29.51
CA ASP C 250 -0.11 -20.18 -30.42
C ASP C 250 -0.38 -21.48 -29.65
N ILE C 251 0.20 -21.62 -28.47
CA ILE C 251 -0.02 -22.81 -27.66
C ILE C 251 -1.50 -22.96 -27.32
N GLU C 252 -2.18 -21.84 -27.09
CA GLU C 252 -3.58 -21.90 -26.68
C GLU C 252 -4.50 -22.18 -27.85
N VAL C 253 -4.23 -21.59 -29.02
CA VAL C 253 -5.02 -21.92 -30.20
C VAL C 253 -4.81 -23.36 -30.61
N ALA C 254 -3.61 -23.90 -30.35
CA ALA C 254 -3.38 -25.33 -30.59
C ALA C 254 -4.27 -26.18 -29.70
N TYR C 255 -4.34 -25.85 -28.41
CA TYR C 255 -5.20 -26.56 -27.46
C TYR C 255 -6.67 -26.31 -27.80
N SER C 256 -7.20 -27.10 -28.72
CA SER C 256 -8.60 -26.97 -29.13
C SER C 256 -9.14 -28.28 -29.70
N SER D 25 9.36 6.33 3.75
CA SER D 25 8.49 5.56 2.86
C SER D 25 8.92 4.09 2.82
N ASP D 26 9.89 3.80 1.96
CA ASP D 26 10.43 2.44 1.79
C ASP D 26 11.68 2.23 2.61
N LYS D 27 11.73 2.79 3.82
CA LYS D 27 12.90 2.65 4.68
C LYS D 27 12.82 1.35 5.47
N LEU D 28 13.80 1.13 6.34
CA LEU D 28 13.89 -0.10 7.13
C LEU D 28 13.41 0.11 8.57
N TYR D 29 14.03 1.03 9.30
CA TYR D 29 13.64 1.32 10.67
C TYR D 29 12.62 2.45 10.71
N ARG D 30 11.75 2.43 11.71
CA ARG D 30 10.71 3.45 11.84
C ARG D 30 10.43 3.70 13.31
N VAL D 31 10.40 4.97 13.70
CA VAL D 31 10.15 5.39 15.07
C VAL D 31 8.94 6.31 15.08
N GLU D 32 8.18 6.29 16.17
CA GLU D 32 7.02 7.17 16.31
C GLU D 32 6.52 7.10 17.74
N TYR D 33 5.31 7.64 17.96
CA TYR D 33 4.64 7.60 19.24
C TYR D 33 3.47 6.63 19.16
N ALA D 34 3.26 5.88 20.24
CA ALA D 34 2.28 4.81 20.25
C ALA D 34 0.89 5.35 19.90
N LYS D 35 0.30 4.84 18.83
CA LYS D 35 -1.07 5.15 18.48
C LYS D 35 -2.08 4.35 19.30
N SER D 36 -1.62 3.32 20.01
CA SER D 36 -2.48 2.50 20.85
C SER D 36 -1.59 1.63 21.72
N GLY D 37 -2.19 1.04 22.75
CA GLY D 37 -1.49 0.19 23.68
C GLY D 37 -1.55 -1.29 23.39
N ARG D 38 -2.11 -1.70 22.25
CA ARG D 38 -2.23 -3.11 21.92
C ARG D 38 -0.95 -3.69 21.32
N ALA D 39 0.00 -2.84 20.92
CA ALA D 39 1.24 -3.33 20.32
C ALA D 39 2.06 -4.09 21.34
N SER D 40 2.39 -5.34 21.02
CA SER D 40 3.17 -6.21 21.90
C SER D 40 4.64 -6.16 21.48
N CYS D 41 5.52 -5.90 22.45
CA CYS D 41 6.95 -5.90 22.21
C CYS D 41 7.39 -7.24 21.61
N LYS D 42 8.54 -7.23 20.96
CA LYS D 42 9.13 -8.45 20.41
C LYS D 42 10.33 -8.94 21.22
N LYS D 43 10.87 -8.11 22.12
CA LYS D 43 11.95 -8.52 23.02
C LYS D 43 11.40 -8.97 24.37
N CYS D 44 10.67 -8.08 25.06
CA CYS D 44 10.08 -8.40 26.35
C CYS D 44 8.69 -9.01 26.23
N SER D 45 8.09 -9.00 25.03
CA SER D 45 6.80 -9.66 24.79
C SER D 45 5.73 -9.16 25.76
N GLU D 46 5.81 -7.90 26.15
CA GLU D 46 4.82 -7.29 27.02
C GLU D 46 4.28 -6.02 26.36
N SER D 47 3.04 -5.68 26.68
CA SER D 47 2.36 -4.58 26.00
C SER D 47 3.15 -3.28 26.11
N ILE D 48 2.82 -2.34 25.23
CA ILE D 48 3.47 -1.03 25.17
C ILE D 48 2.41 0.03 25.43
N PRO D 49 2.70 1.09 26.19
CA PRO D 49 1.68 2.10 26.46
C PRO D 49 1.41 2.98 25.25
N LYS D 50 0.32 3.74 25.36
CA LYS D 50 -0.05 4.69 24.33
C LYS D 50 0.70 6.01 24.54
N ASP D 51 0.81 6.77 23.46
CA ASP D 51 1.49 8.07 23.48
C ASP D 51 2.89 7.94 24.10
N SER D 52 3.59 6.87 23.72
CA SER D 52 4.94 6.61 24.19
C SER D 52 5.87 6.39 23.00
N LEU D 53 7.14 6.69 23.20
CA LEU D 53 8.13 6.54 22.14
C LEU D 53 8.37 5.07 21.85
N ARG D 54 8.31 4.69 20.58
CA ARG D 54 8.53 3.30 20.19
C ARG D 54 9.18 3.23 18.82
N MET D 55 10.15 2.31 18.71
CA MET D 55 10.86 2.02 17.47
C MET D 55 10.43 0.67 16.93
N ALA D 56 10.77 0.41 15.67
CA ALA D 56 10.41 -0.84 15.04
C ALA D 56 11.28 -1.05 13.80
N ILE D 57 11.39 -2.32 13.42
CA ILE D 57 12.08 -2.72 12.19
C ILE D 57 11.04 -3.35 11.27
N MET D 58 11.06 -2.96 10.00
CA MET D 58 10.12 -3.50 9.02
C MET D 58 10.67 -4.81 8.46
N VAL D 59 9.85 -5.86 8.51
CA VAL D 59 10.23 -7.16 7.99
C VAL D 59 9.08 -7.74 7.18
N GLN D 60 9.43 -8.56 6.19
CA GLN D 60 8.42 -9.16 5.33
C GLN D 60 7.56 -10.13 6.14
N SER D 61 6.24 -9.93 6.06
CA SER D 61 5.32 -10.79 6.79
C SER D 61 5.19 -12.13 6.06
N PRO D 62 5.51 -13.26 6.71
CA PRO D 62 5.29 -14.56 6.06
C PRO D 62 3.82 -14.90 5.87
N MET D 63 2.90 -14.04 6.28
CA MET D 63 1.47 -14.34 6.21
C MET D 63 0.78 -13.66 5.04
N PHE D 64 1.28 -12.52 4.57
CA PHE D 64 0.69 -11.84 3.42
C PHE D 64 1.76 -10.99 2.75
N ASP D 65 1.39 -10.36 1.63
CA ASP D 65 2.32 -9.59 0.81
C ASP D 65 2.40 -8.17 1.35
N GLY D 66 3.57 -7.80 1.85
CA GLY D 66 3.81 -6.47 2.38
C GLY D 66 4.61 -6.55 3.67
N LYS D 67 5.32 -5.46 3.97
CA LYS D 67 6.10 -5.38 5.18
C LYS D 67 5.20 -5.24 6.41
N VAL D 68 5.77 -5.54 7.58
CA VAL D 68 5.08 -5.39 8.85
C VAL D 68 6.10 -4.89 9.87
N PRO D 69 5.71 -4.03 10.81
CA PRO D 69 6.66 -3.54 11.82
C PRO D 69 6.77 -4.44 13.03
N HIS D 70 7.97 -4.93 13.33
CA HIS D 70 8.27 -5.54 14.61
C HIS D 70 8.68 -4.42 15.56
N TRP D 71 7.86 -4.18 16.58
CA TRP D 71 8.04 -3.07 17.50
C TRP D 71 8.89 -3.50 18.69
N TYR D 72 9.55 -2.51 19.30
CA TYR D 72 10.39 -2.74 20.46
C TYR D 72 10.29 -1.54 21.39
N HIS D 73 10.34 -1.80 22.70
CA HIS D 73 10.50 -0.73 23.66
C HIS D 73 11.77 0.05 23.34
N PHE D 74 11.77 1.35 23.69
CA PHE D 74 12.97 2.15 23.47
C PHE D 74 14.16 1.56 24.22
N SER D 75 13.91 1.01 25.41
CA SER D 75 14.99 0.40 26.19
C SER D 75 15.42 -0.95 25.63
N CYS D 76 14.47 -1.72 25.08
CA CYS D 76 14.74 -3.07 24.62
C CYS D 76 15.35 -3.12 23.22
N PHE D 77 15.37 -2.01 22.49
CA PHE D 77 15.77 -2.05 21.09
C PHE D 77 17.28 -2.17 20.91
N TRP D 78 18.06 -1.59 21.82
CA TRP D 78 19.49 -1.48 21.58
C TRP D 78 20.26 -2.72 22.02
N LYS D 79 19.67 -3.57 22.86
CA LYS D 79 20.30 -4.81 23.27
C LYS D 79 19.88 -5.99 22.41
N VAL D 80 19.86 -5.78 21.08
CA VAL D 80 19.50 -6.85 20.15
C VAL D 80 20.50 -7.03 19.03
N GLY D 81 21.32 -6.03 18.70
CA GLY D 81 22.31 -6.13 17.67
C GLY D 81 22.06 -5.31 16.42
N HIS D 82 21.25 -4.26 16.49
CA HIS D 82 21.01 -3.38 15.36
C HIS D 82 21.97 -2.21 15.42
N SER D 83 22.79 -2.06 14.37
CA SER D 83 23.77 -0.99 14.28
C SER D 83 23.22 0.09 13.35
N ILE D 84 22.82 1.22 13.95
CA ILE D 84 22.32 2.37 13.21
C ILE D 84 23.25 3.52 13.51
N ARG D 85 24.03 3.93 12.50
CA ARG D 85 25.05 4.95 12.71
C ARG D 85 24.48 6.35 12.59
N HIS D 86 23.52 6.56 11.68
CA HIS D 86 22.92 7.87 11.45
C HIS D 86 21.41 7.72 11.40
N PRO D 87 20.72 7.92 12.52
CA PRO D 87 19.25 7.90 12.51
C PRO D 87 18.63 9.13 11.85
N ASP D 88 19.44 10.11 11.45
CA ASP D 88 18.91 11.31 10.82
C ASP D 88 18.09 11.00 9.58
N VAL D 89 18.29 9.82 8.98
CA VAL D 89 17.60 9.46 7.75
C VAL D 89 17.26 7.98 7.76
N GLU D 90 18.13 7.16 8.36
CA GLU D 90 17.91 5.72 8.36
C GLU D 90 16.56 5.35 8.93
N VAL D 91 16.02 6.16 9.83
CA VAL D 91 14.77 5.85 10.53
C VAL D 91 13.64 6.65 9.90
N ASP D 92 12.55 5.97 9.58
CA ASP D 92 11.38 6.64 9.02
C ASP D 92 10.66 7.42 10.11
N GLY D 93 10.25 8.64 9.79
CA GLY D 93 9.56 9.47 10.75
C GLY D 93 10.45 10.06 11.82
N PHE D 94 11.75 10.17 11.57
CA PHE D 94 12.65 10.76 12.56
C PHE D 94 12.48 12.27 12.65
N SER D 95 12.06 12.92 11.57
CA SER D 95 11.94 14.37 11.54
C SER D 95 10.65 14.88 12.16
N GLU D 96 9.67 14.00 12.44
CA GLU D 96 8.40 14.40 13.01
C GLU D 96 8.31 14.07 14.50
N LEU D 97 9.44 14.03 15.20
CA LEU D 97 9.50 13.75 16.62
C LEU D 97 9.84 15.01 17.40
N ARG D 98 9.58 14.97 18.70
CA ARG D 98 9.95 16.07 19.56
C ARG D 98 11.47 16.20 19.62
N TRP D 99 11.97 17.44 19.62
CA TRP D 99 13.40 17.66 19.47
C TRP D 99 14.19 16.96 20.57
N ASP D 100 13.70 17.01 21.81
CA ASP D 100 14.39 16.33 22.90
C ASP D 100 14.48 14.82 22.64
N ASP D 101 13.41 14.24 22.09
CA ASP D 101 13.44 12.81 21.77
C ASP D 101 14.38 12.53 20.61
N GLN D 102 14.41 13.39 19.60
CA GLN D 102 15.39 13.23 18.53
C GLN D 102 16.81 13.24 19.08
N GLN D 103 17.10 14.17 19.99
CA GLN D 103 18.43 14.24 20.60
C GLN D 103 18.72 12.97 21.39
N LYS D 104 17.74 12.49 22.18
CA LYS D 104 17.96 11.26 22.94
C LYS D 104 18.25 10.08 22.01
N VAL D 105 17.55 10.01 20.89
CA VAL D 105 17.80 8.95 19.92
C VAL D 105 19.22 9.05 19.38
N LYS D 106 19.61 10.25 18.93
CA LYS D 106 20.96 10.45 18.42
C LYS D 106 22.01 10.02 19.44
N LYS D 107 21.78 10.35 20.71
CA LYS D 107 22.77 10.01 21.74
C LYS D 107 22.82 8.51 21.98
N THR D 108 21.68 7.83 21.98
CA THR D 108 21.64 6.39 22.22
C THR D 108 22.10 5.59 21.01
N ALA D 109 22.22 6.20 19.83
CA ALA D 109 22.62 5.45 18.65
C ALA D 109 23.95 4.73 18.83
N GLU D 110 24.81 5.24 19.71
CA GLU D 110 26.15 4.67 19.88
C GLU D 110 26.20 3.64 21.00
N ALA D 111 25.63 3.96 22.16
CA ALA D 111 25.64 3.05 23.31
C ALA D 111 24.93 1.74 22.97
N SER D 134 35.57 26.86 7.77
CA SER D 134 34.14 26.62 7.58
C SER D 134 33.32 27.28 8.67
N LYS D 135 33.88 28.33 9.29
CA LYS D 135 33.13 29.04 10.33
C LYS D 135 31.85 29.65 9.78
N LYS D 136 31.88 30.10 8.52
CA LYS D 136 30.65 30.59 7.89
C LYS D 136 29.72 29.43 7.58
N GLU D 137 30.27 28.28 7.16
CA GLU D 137 29.43 27.11 6.90
C GLU D 137 28.90 26.52 8.21
N LYS D 138 29.74 26.49 9.25
CA LYS D 138 29.29 26.00 10.55
C LYS D 138 28.16 26.86 11.10
N ASP D 139 28.37 28.18 11.13
CA ASP D 139 27.33 29.07 11.66
C ASP D 139 26.03 28.94 10.88
N LYS D 140 26.13 28.84 9.55
CA LYS D 140 24.92 28.64 8.75
C LYS D 140 24.25 27.31 9.10
N ASP D 141 25.04 26.26 9.30
CA ASP D 141 24.46 24.95 9.63
C ASP D 141 23.84 24.96 11.02
N SER D 142 24.55 25.53 12.01
CA SER D 142 24.01 25.59 13.36
C SER D 142 22.77 26.46 13.42
N LYS D 143 22.73 27.52 12.62
CA LYS D 143 21.55 28.38 12.58
C LYS D 143 20.35 27.63 11.99
N LEU D 144 20.58 26.85 10.93
CA LEU D 144 19.50 26.03 10.39
C LEU D 144 19.04 24.99 11.39
N GLU D 145 19.97 24.36 12.10
CA GLU D 145 19.58 23.38 13.11
C GLU D 145 18.79 24.03 14.23
N LYS D 146 19.11 25.29 14.56
CA LYS D 146 18.36 25.98 15.61
C LYS D 146 17.00 26.44 15.09
N ALA D 147 16.93 26.88 13.83
CA ALA D 147 15.65 27.23 13.24
C ALA D 147 14.79 25.99 13.02
N LEU D 148 15.41 24.84 12.77
CA LEU D 148 14.65 23.60 12.64
C LEU D 148 14.11 23.15 13.99
N LYS D 149 14.92 23.26 15.05
CA LYS D 149 14.44 22.98 16.39
C LYS D 149 13.29 23.90 16.77
N ALA D 150 13.38 25.18 16.36
CA ALA D 150 12.32 26.13 16.67
C ALA D 150 11.02 25.75 15.96
N GLN D 151 11.11 25.36 14.69
CA GLN D 151 9.91 24.94 13.97
C GLN D 151 9.34 23.66 14.57
N ASN D 152 10.20 22.77 15.08
CA ASN D 152 9.74 21.50 15.61
C ASN D 152 8.91 21.71 16.88
N ASP D 153 9.50 22.32 17.91
CA ASP D 153 8.79 22.48 19.17
C ASP D 153 7.59 23.40 19.03
N LEU D 154 7.61 24.31 18.06
CA LEU D 154 6.44 25.14 17.81
C LEU D 154 5.27 24.30 17.33
N ILE D 155 5.52 23.39 16.38
CA ILE D 155 4.47 22.51 15.89
C ILE D 155 3.91 21.67 17.03
N TRP D 156 4.79 21.03 17.80
CA TRP D 156 4.33 20.15 18.86
C TRP D 156 3.57 20.93 19.93
N ASN D 157 3.99 22.15 20.24
CA ASN D 157 3.29 22.95 21.23
C ASN D 157 1.90 23.33 20.73
N ILE D 158 1.75 23.58 19.43
CA ILE D 158 0.43 23.84 18.87
C ILE D 158 -0.42 22.58 18.89
N LYS D 159 0.19 21.42 18.60
CA LYS D 159 -0.53 20.16 18.66
C LYS D 159 -1.01 19.88 20.09
N ASP D 160 -0.18 20.18 21.08
CA ASP D 160 -0.55 19.93 22.47
C ASP D 160 -1.73 20.78 22.89
N GLU D 161 -1.71 22.08 22.56
CA GLU D 161 -2.84 22.94 22.87
C GLU D 161 -4.11 22.46 22.20
N LEU D 162 -4.00 21.95 20.96
CA LEU D 162 -5.16 21.40 20.28
C LEU D 162 -5.70 20.19 21.03
N LYS D 163 -4.83 19.27 21.42
CA LYS D 163 -5.26 18.08 22.15
C LYS D 163 -5.96 18.46 23.45
N LYS D 164 -5.56 19.56 24.07
CA LYS D 164 -6.08 19.96 25.37
C LYS D 164 -7.38 20.76 25.27
N VAL D 165 -7.68 21.35 24.11
CA VAL D 165 -8.83 22.24 23.99
C VAL D 165 -9.65 21.88 22.75
N CYS D 166 -9.56 20.63 22.30
CA CYS D 166 -10.37 20.16 21.19
C CYS D 166 -10.59 18.66 21.33
N SER D 167 -11.70 18.19 20.76
CA SER D 167 -12.03 16.78 20.72
C SER D 167 -11.68 16.22 19.35
N THR D 168 -12.00 14.94 19.13
CA THR D 168 -11.72 14.32 17.85
C THR D 168 -12.67 14.84 16.76
N ASN D 169 -13.97 14.83 17.04
CA ASN D 169 -14.92 15.34 16.06
C ASN D 169 -14.75 16.84 15.84
N ASP D 170 -14.22 17.56 16.84
CA ASP D 170 -13.93 18.98 16.64
C ASP D 170 -12.93 19.17 15.52
N LEU D 171 -11.84 18.39 15.54
CA LEU D 171 -10.83 18.51 14.49
C LEU D 171 -11.35 17.96 13.17
N LYS D 172 -12.27 16.99 13.20
CA LYS D 172 -12.88 16.50 11.97
C LYS D 172 -13.52 17.64 11.19
N GLU D 173 -14.32 18.46 11.88
CA GLU D 173 -15.00 19.57 11.20
C GLU D 173 -14.00 20.62 10.73
N LEU D 174 -12.93 20.84 11.48
CA LEU D 174 -11.95 21.86 11.10
C LEU D 174 -11.30 21.53 9.76
N LEU D 175 -10.96 20.27 9.53
CA LEU D 175 -10.37 19.87 8.26
C LEU D 175 -11.36 20.08 7.11
N ILE D 176 -12.63 19.74 7.34
CA ILE D 176 -13.63 19.87 6.29
C ILE D 176 -13.80 21.32 5.88
N PHE D 177 -13.58 22.26 6.80
CA PHE D 177 -13.82 23.67 6.51
C PHE D 177 -12.90 24.16 5.40
N ASN D 178 -11.61 23.84 5.50
CA ASN D 178 -10.61 24.33 4.55
C ASN D 178 -10.46 23.42 3.33
N LYS D 179 -11.50 22.68 2.96
CA LYS D 179 -11.50 21.86 1.75
C LYS D 179 -10.38 20.82 1.81
N GLN D 180 -10.26 20.16 2.96
CA GLN D 180 -9.23 19.15 3.17
C GLN D 180 -9.87 17.81 3.51
N GLN D 181 -9.14 16.74 3.20
CA GLN D 181 -9.65 15.40 3.43
C GLN D 181 -9.50 15.00 4.90
N VAL D 182 -10.33 14.04 5.31
CA VAL D 182 -10.33 13.53 6.68
C VAL D 182 -9.50 12.24 6.68
N PRO D 183 -8.31 12.24 7.28
CA PRO D 183 -7.50 11.02 7.31
C PRO D 183 -8.03 10.02 8.32
N SER D 184 -7.56 8.78 8.18
CA SER D 184 -7.90 7.70 9.09
C SER D 184 -6.81 7.62 10.15
N GLY D 185 -7.08 8.18 11.33
CA GLY D 185 -6.11 8.15 12.41
C GLY D 185 -6.10 9.42 13.24
N GLU D 186 -6.17 9.27 14.57
CA GLU D 186 -6.14 10.43 15.45
C GLU D 186 -4.86 11.22 15.26
N SER D 187 -3.72 10.53 15.30
CA SER D 187 -2.44 11.21 15.08
C SER D 187 -2.40 11.89 13.72
N ALA D 188 -2.91 11.21 12.69
CA ALA D 188 -2.90 11.78 11.35
C ALA D 188 -3.75 13.04 11.30
N ILE D 189 -4.95 13.01 11.88
CA ILE D 189 -5.80 14.19 11.88
C ILE D 189 -5.11 15.34 12.58
N LEU D 190 -4.42 15.06 13.69
CA LEU D 190 -3.78 16.13 14.44
C LEU D 190 -2.64 16.75 13.65
N ASP D 191 -1.80 15.92 13.03
CA ASP D 191 -0.67 16.44 12.27
C ASP D 191 -1.14 17.30 11.10
N ARG D 192 -2.24 16.93 10.47
CA ARG D 192 -2.72 17.68 9.31
C ARG D 192 -3.31 19.03 9.73
N VAL D 193 -4.04 19.08 10.86
CA VAL D 193 -4.59 20.34 11.32
C VAL D 193 -3.49 21.32 11.68
N ALA D 194 -2.37 20.82 12.19
CA ALA D 194 -1.26 21.71 12.53
C ALA D 194 -0.62 22.29 11.27
N ASP D 195 -0.47 21.47 10.22
CA ASP D 195 0.12 21.97 8.99
C ASP D 195 -0.79 22.99 8.31
N GLY D 196 -2.10 22.77 8.38
CA GLY D 196 -3.02 23.72 7.76
C GLY D 196 -3.06 25.06 8.47
N MET D 197 -2.85 25.07 9.79
CA MET D 197 -2.89 26.32 10.53
C MET D 197 -1.67 27.19 10.25
N VAL D 198 -0.49 26.56 10.16
CA VAL D 198 0.76 27.29 10.05
C VAL D 198 1.05 27.62 8.58
N PHE D 199 1.18 26.59 7.75
CA PHE D 199 1.60 26.76 6.38
C PHE D 199 0.46 27.00 5.40
N GLY D 200 -0.79 26.86 5.84
CA GLY D 200 -1.93 27.19 5.02
C GLY D 200 -2.64 25.95 4.49
N ALA D 201 -3.92 26.14 4.15
CA ALA D 201 -4.73 25.05 3.63
C ALA D 201 -4.27 24.65 2.24
N LEU D 202 -4.01 23.36 2.04
CA LEU D 202 -3.48 22.88 0.78
C LEU D 202 -4.54 22.89 -0.31
N LEU D 203 -4.15 23.37 -1.51
CA LEU D 203 -5.06 23.32 -2.64
C LEU D 203 -4.91 21.97 -3.36
N PRO D 204 -5.96 21.53 -4.05
CA PRO D 204 -5.89 20.21 -4.72
C PRO D 204 -4.73 20.14 -5.70
N CYS D 205 -4.44 18.91 -6.11
CA CYS D 205 -3.41 18.68 -7.10
C CYS D 205 -3.80 19.29 -8.45
N GLU D 206 -2.79 19.67 -9.23
CA GLU D 206 -3.04 20.22 -10.55
C GLU D 206 -3.33 19.15 -11.59
N GLU D 207 -2.87 17.92 -11.37
CA GLU D 207 -3.12 16.81 -12.28
C GLU D 207 -4.27 15.93 -11.81
N CYS D 208 -4.12 15.28 -10.66
CA CYS D 208 -5.13 14.37 -10.16
C CYS D 208 -6.27 15.07 -9.44
N SER D 209 -6.08 16.33 -9.05
CA SER D 209 -7.06 17.06 -8.26
C SER D 209 -7.29 16.38 -6.91
N GLY D 210 -6.26 15.73 -6.39
CA GLY D 210 -6.34 15.02 -5.12
C GLY D 210 -5.66 15.76 -3.98
N GLN D 211 -5.71 15.14 -2.81
CA GLN D 211 -5.17 15.71 -1.59
C GLN D 211 -3.69 15.39 -1.46
N LEU D 212 -2.95 16.32 -0.85
CA LEU D 212 -1.53 16.16 -0.60
C LEU D 212 -1.27 16.01 0.90
N VAL D 213 -0.21 15.27 1.23
CA VAL D 213 0.15 14.99 2.61
C VAL D 213 1.66 15.15 2.76
N PHE D 214 2.10 15.40 3.99
CA PHE D 214 3.50 15.62 4.28
C PHE D 214 4.15 14.31 4.70
N LYS D 215 5.18 13.89 3.96
CA LYS D 215 6.05 12.80 4.37
C LYS D 215 7.30 13.40 5.00
N SER D 216 8.24 12.53 5.40
CA SER D 216 9.45 13.00 6.05
C SER D 216 10.23 13.95 5.14
N ASP D 217 10.32 13.64 3.85
CA ASP D 217 11.12 14.45 2.94
C ASP D 217 10.35 15.67 2.47
N ALA D 218 9.23 15.47 1.79
CA ALA D 218 8.46 16.56 1.22
C ALA D 218 7.00 16.14 1.13
N TYR D 219 6.20 16.93 0.42
CA TYR D 219 4.78 16.67 0.28
C TYR D 219 4.53 15.70 -0.87
N TYR D 220 3.70 14.68 -0.62
CA TYR D 220 3.33 13.69 -1.61
C TYR D 220 1.82 13.76 -1.86
N CYS D 221 1.43 13.48 -3.10
CA CYS D 221 0.01 13.46 -3.46
C CYS D 221 -0.54 12.05 -3.31
N THR D 222 -1.78 11.95 -2.82
CA THR D 222 -2.43 10.68 -2.55
C THR D 222 -3.60 10.39 -3.48
N GLY D 223 -3.80 11.21 -4.52
CA GLY D 223 -4.88 10.99 -5.46
C GLY D 223 -4.66 9.72 -6.28
N ASP D 224 -5.61 9.49 -7.18
CA ASP D 224 -5.60 8.33 -8.06
C ASP D 224 -5.67 8.82 -9.51
N VAL D 225 -4.51 8.89 -10.17
CA VAL D 225 -4.50 9.20 -11.59
C VAL D 225 -5.39 8.23 -12.35
N THR D 226 -5.37 6.96 -11.94
CA THR D 226 -6.25 5.93 -12.49
C THR D 226 -6.71 5.04 -11.36
N ALA D 227 -7.73 4.22 -11.64
CA ALA D 227 -8.20 3.27 -10.65
C ALA D 227 -7.20 2.15 -10.38
N TRP D 228 -6.09 2.11 -11.13
CA TRP D 228 -5.07 1.08 -10.95
C TRP D 228 -3.88 1.61 -10.14
N THR D 229 -3.33 2.75 -10.53
CA THR D 229 -2.19 3.35 -9.85
C THR D 229 -2.63 4.64 -9.16
N LYS D 230 -1.72 5.19 -8.37
CA LYS D 230 -1.97 6.43 -7.65
C LYS D 230 -1.08 7.55 -8.20
N CYS D 231 -1.57 8.78 -8.05
CA CYS D 231 -0.81 9.95 -8.49
C CYS D 231 0.49 10.03 -7.72
N MET D 232 1.60 10.18 -8.44
CA MET D 232 2.94 10.27 -7.86
C MET D 232 3.45 11.69 -8.08
N VAL D 233 3.07 12.59 -7.17
CA VAL D 233 3.54 13.98 -7.18
C VAL D 233 4.33 14.22 -5.91
N LYS D 234 5.43 14.97 -6.03
CA LYS D 234 6.31 15.22 -4.90
C LYS D 234 6.96 16.59 -5.09
N THR D 235 6.66 17.50 -4.17
CA THR D 235 7.23 18.85 -4.24
C THR D 235 7.30 19.42 -2.83
N GLN D 236 8.40 20.09 -2.54
CA GLN D 236 8.61 20.76 -1.26
C GLN D 236 7.86 22.09 -1.17
N THR D 237 7.03 22.43 -2.15
CA THR D 237 6.34 23.72 -2.19
C THR D 237 5.02 23.54 -2.92
N PRO D 238 3.95 23.19 -2.20
CA PRO D 238 2.65 22.98 -2.84
C PRO D 238 1.84 24.28 -2.93
N ASN D 239 0.75 24.20 -3.69
CA ASN D 239 -0.21 25.29 -3.76
C ASN D 239 -1.12 25.25 -2.55
N ARG D 240 -1.38 26.42 -1.96
CA ARG D 240 -2.18 26.47 -0.74
C ARG D 240 -2.65 27.88 -0.46
N LYS D 241 -3.92 28.00 -0.07
CA LYS D 241 -4.48 29.25 0.41
C LYS D 241 -4.38 29.30 1.94
N GLU D 242 -4.76 30.45 2.51
CA GLU D 242 -4.54 30.67 3.93
C GLU D 242 -5.58 29.93 4.76
N TRP D 243 -5.24 29.70 6.03
CA TRP D 243 -6.11 28.98 6.94
C TRP D 243 -7.31 29.84 7.33
N VAL D 244 -8.44 29.18 7.58
CA VAL D 244 -9.71 29.84 7.87
C VAL D 244 -10.28 29.20 9.13
N THR D 245 -10.20 29.91 10.26
CA THR D 245 -10.83 29.43 11.48
C THR D 245 -12.31 29.77 11.46
N PRO D 246 -13.21 28.80 11.71
CA PRO D 246 -14.64 29.07 11.55
C PRO D 246 -15.17 30.05 12.58
N LYS D 247 -16.48 30.27 12.58
CA LYS D 247 -17.09 31.14 13.58
C LYS D 247 -16.76 30.66 14.99
N GLU D 248 -16.94 29.37 15.24
CA GLU D 248 -16.66 28.78 16.55
C GLU D 248 -15.18 28.39 16.60
N PHE D 249 -14.34 29.40 16.80
CA PHE D 249 -12.90 29.22 16.92
C PHE D 249 -12.36 30.21 17.96
N ARG D 250 -12.93 30.18 19.16
CA ARG D 250 -12.53 31.12 20.20
C ARG D 250 -11.04 31.07 20.44
N GLU D 251 -10.47 29.87 20.50
CA GLU D 251 -9.03 29.71 20.71
C GLU D 251 -8.20 30.09 19.49
N ILE D 252 -8.80 30.68 18.44
CA ILE D 252 -8.01 31.12 17.28
C ILE D 252 -6.85 31.99 17.74
N SER D 253 -7.13 32.95 18.61
CA SER D 253 -6.07 33.76 19.20
C SER D 253 -5.26 33.00 20.24
N TYR D 254 -5.85 31.96 20.84
CA TYR D 254 -5.12 31.15 21.80
C TYR D 254 -3.89 30.49 21.21
N LEU D 255 -3.80 30.41 19.87
CA LEU D 255 -2.65 29.80 19.21
C LEU D 255 -2.26 30.58 17.95
N LYS D 256 -3.22 30.80 17.04
CA LYS D 256 -2.92 31.48 15.79
C LYS D 256 -2.35 32.87 16.04
N LYS D 257 -2.94 33.62 16.97
CA LYS D 257 -2.44 34.96 17.27
C LYS D 257 -1.01 34.89 17.80
N LEU D 258 -0.72 33.90 18.65
CA LEU D 258 0.64 33.76 19.16
C LEU D 258 1.63 33.46 18.05
N LYS D 259 1.20 32.72 17.02
CA LYS D 259 2.08 32.36 15.91
C LYS D 259 2.76 33.59 15.34
N VAL D 260 4.09 33.61 15.42
CA VAL D 260 4.86 34.68 14.80
C VAL D 260 4.48 34.82 13.32
N LYS D 261 4.05 33.72 12.70
CA LYS D 261 3.53 33.75 11.34
C LYS D 261 4.62 34.09 10.34
N LYS D 262 4.25 34.23 9.08
CA LYS D 262 5.18 34.54 8.01
C LYS D 262 6.33 33.52 8.00
N GLN D 263 5.97 32.25 7.89
CA GLN D 263 6.93 31.16 7.90
C GLN D 263 6.59 30.16 6.81
N ASP D 264 7.58 29.34 6.44
CA ASP D 264 7.40 28.29 5.47
C ASP D 264 8.15 27.05 5.95
N ARG D 265 7.73 25.89 5.45
CA ARG D 265 8.31 24.64 5.91
C ARG D 265 9.80 24.62 5.66
N ILE D 266 10.56 24.26 6.70
CA ILE D 266 11.98 24.01 6.60
C ILE D 266 12.18 22.49 6.52
N PHE D 267 12.74 22.02 5.41
CA PHE D 267 12.86 20.59 5.16
C PHE D 267 14.22 20.07 5.57
N PRO D 268 14.35 18.76 5.82
CA PRO D 268 15.65 18.19 6.12
C PRO D 268 16.56 18.22 4.91
N PRO D 269 17.89 18.16 5.10
CA PRO D 269 18.81 18.13 3.95
C PRO D 269 18.54 16.98 3.00
ZN ZN E . -1.78 14.60 -7.67
ZN ZN F . 10.46 -4.33 25.30
#